data_8S1W
#
_entry.id   8S1W
#
_entity_poly.entity_id   1
_entity_poly.type   'polydeoxyribonucleotide'
_entity_poly.pdbx_seq_one_letter_code
;(DG)(DG)(DG)(DC)(DG)(DC)(DG)(DA)(DA)(DG)(DC)(DA)(DT)(DT)(DC)(DG)(DC)(DG)(DG)(DG)
(DG)(DT)(DT)(DA)(DG)(BGM)(DG)(DT)(DT)(DA)(DG)(DG)(DG)
;
_entity_poly.pdbx_strand_id   A
#